data_1NNW
#
_entry.id   1NNW
#
_cell.length_a   50.140
_cell.length_b   50.842
_cell.length_c   64.403
_cell.angle_alpha   83.70
_cell.angle_beta   81.64
_cell.angle_gamma   81.77
#
_symmetry.space_group_name_H-M   'P 1'
#
loop_
_entity.id
_entity.type
_entity.pdbx_description
1 polymer 'hypothetical protein'
2 non-polymer 'PLATINUM (II) ION'
3 non-polymer 'SODIUM ION'
4 water water
#
_entity_poly.entity_id   1
_entity_poly.type   'polypeptide(L)'
_entity_poly.pdbx_seq_one_letter_code
;MVYVAVLANIAGNLPALTAALSRIEEMREEGYEIEKYYILGNIVGLFPYPKEVIEVIKDLTKKENVKIIRGKYDQIIAMS
DPHATDPGYIDKLELPGHVKKALKFTWEKLGHEGREYLRDLPIYLVDKIGGNEVFGVYGSPINPFDGEVLAEQPTSYYEA
IMRPVKDYEMLIVASPMYPVDAMTRYGRVVCPGSVGFPPGKEHKATFALVDVDTLKPKFIEVEYDKKIIEERIRAEGLPE
EIIKILYHGGRP
;
_entity_poly.pdbx_strand_id   A,B
#
# COMPACT_ATOMS: atom_id res chain seq x y z
N VAL A 2 7.42 26.52 -11.46
CA VAL A 2 7.15 26.32 -10.01
C VAL A 2 7.64 24.94 -9.54
N TYR A 3 7.71 24.76 -8.22
CA TYR A 3 8.28 23.55 -7.63
C TYR A 3 7.45 23.05 -6.46
N VAL A 4 7.61 21.76 -6.16
CA VAL A 4 7.10 21.18 -4.92
C VAL A 4 8.33 20.73 -4.13
N ALA A 5 8.41 21.13 -2.87
CA ALA A 5 9.49 20.69 -2.00
C ALA A 5 9.15 19.30 -1.43
N VAL A 6 10.02 18.33 -1.70
CA VAL A 6 9.83 16.95 -1.26
C VAL A 6 10.94 16.58 -0.27
N LEU A 7 10.55 16.18 0.94
CA LEU A 7 11.47 15.85 2.03
C LEU A 7 11.13 14.47 2.59
N ALA A 8 12.12 13.78 3.13
CA ALA A 8 11.94 12.41 3.65
C ALA A 8 12.93 12.10 4.74
N ASN A 9 12.53 11.20 5.65
CA ASN A 9 13.44 10.65 6.65
C ASN A 9 14.07 11.68 7.59
N ILE A 10 13.21 12.52 8.18
CA ILE A 10 13.64 13.44 9.23
C ILE A 10 14.16 12.64 10.44
N ALA A 11 13.47 11.54 10.76
CA ALA A 11 13.89 10.58 11.78
C ALA A 11 14.25 11.23 13.12
N GLY A 12 13.52 12.28 13.49
CA GLY A 12 13.68 12.96 14.76
C GLY A 12 14.86 13.93 14.81
N ASN A 13 15.45 14.23 13.65
CA ASN A 13 16.61 15.08 13.56
C ASN A 13 16.20 16.55 13.33
N LEU A 14 16.01 17.28 14.43
CA LEU A 14 15.54 18.67 14.36
C LEU A 14 16.50 19.65 13.64
N PRO A 15 17.79 19.69 13.97
CA PRO A 15 18.71 20.62 13.29
C PRO A 15 18.78 20.42 11.78
N ALA A 16 18.65 19.18 11.31
CA ALA A 16 18.67 18.91 9.88
C ALA A 16 17.36 19.40 9.24
N LEU A 17 16.23 19.17 9.90
CA LEU A 17 14.95 19.65 9.40
C LEU A 17 14.92 21.18 9.37
N THR A 18 15.42 21.79 10.45
CA THR A 18 15.48 23.26 10.55
C THR A 18 16.30 23.84 9.40
N ALA A 19 17.45 23.25 9.11
CA ALA A 19 18.34 23.75 8.05
C ALA A 19 17.76 23.59 6.65
N ALA A 20 17.00 22.52 6.41
CA ALA A 20 16.40 22.30 5.10
C ALA A 20 15.28 23.29 4.83
N LEU A 21 14.44 23.52 5.83
CA LEU A 21 13.34 24.46 5.70
C LEU A 21 13.85 25.89 5.59
N SER A 22 14.94 26.19 6.29
CA SER A 22 15.55 27.51 6.22
C SER A 22 16.13 27.78 4.83
N ARG A 23 16.65 26.74 4.19
CA ARG A 23 17.17 26.85 2.82
C ARG A 23 16.05 27.05 1.82
N ILE A 24 14.90 26.42 2.07
CA ILE A 24 13.74 26.58 1.21
C ILE A 24 13.27 28.04 1.26
N GLU A 25 13.15 28.59 2.47
CA GLU A 25 12.81 30.00 2.67
C GLU A 25 13.78 30.93 1.94
N GLU A 26 15.07 30.57 1.95
CA GLU A 26 16.12 31.35 1.32
C GLU A 26 16.03 31.28 -0.21
N MET A 27 15.65 30.12 -0.74
CA MET A 27 15.51 29.96 -2.18
C MET A 27 14.29 30.71 -2.70
N ARG A 28 13.27 30.89 -1.84
CA ARG A 28 12.11 31.71 -2.18
C ARG A 28 12.45 33.19 -2.23
N GLU A 29 13.42 33.61 -1.40
CA GLU A 29 13.96 34.97 -1.45
C GLU A 29 14.75 35.22 -2.73
N GLU A 30 15.32 34.16 -3.30
CA GLU A 30 16.08 34.22 -4.55
C GLU A 30 15.20 34.10 -5.80
N GLY A 31 13.90 33.90 -5.61
CA GLY A 31 12.94 33.85 -6.70
C GLY A 31 12.59 32.45 -7.16
N TYR A 32 12.43 31.53 -6.21
CA TYR A 32 11.94 30.19 -6.50
C TYR A 32 10.48 30.13 -6.06
N GLU A 33 9.60 29.68 -6.95
CA GLU A 33 8.19 29.50 -6.61
C GLU A 33 8.02 28.12 -5.97
N ILE A 34 7.87 28.07 -4.65
CA ILE A 34 7.57 26.84 -3.91
C ILE A 34 6.11 26.87 -3.46
N GLU A 35 5.26 26.07 -4.11
CA GLU A 35 3.81 26.13 -3.86
C GLU A 35 3.29 25.15 -2.80
N LYS A 36 3.96 24.01 -2.63
CA LYS A 36 3.56 23.04 -1.61
C LYS A 36 4.71 22.12 -1.16
N TYR A 37 4.46 21.33 -0.12
CA TYR A 37 5.44 20.44 0.48
C TYR A 37 4.91 19.00 0.58
N TYR A 38 5.73 18.02 0.21
CA TYR A 38 5.49 16.62 0.54
C TYR A 38 6.52 16.23 1.61
N ILE A 39 6.06 15.64 2.72
CA ILE A 39 6.96 15.18 3.79
C ILE A 39 6.74 13.70 4.04
N LEU A 40 7.76 12.89 3.78
CA LEU A 40 7.68 11.44 3.90
C LEU A 40 8.40 11.02 5.17
N GLY A 41 7.90 9.95 5.80
CA GLY A 41 8.56 9.37 6.95
C GLY A 41 9.95 8.84 6.58
N ASN A 42 10.72 8.41 7.57
CA ASN A 42 10.34 8.47 8.98
C ASN A 42 10.34 9.90 9.52
N ILE A 43 9.28 10.26 10.24
CA ILE A 43 9.17 11.56 10.89
C ILE A 43 9.95 11.56 12.21
N VAL A 44 9.72 10.54 13.03
CA VAL A 44 10.49 10.30 14.25
C VAL A 44 11.33 9.03 14.11
N GLY A 45 12.18 8.76 15.08
CA GLY A 45 12.93 7.50 15.10
C GLY A 45 14.16 7.44 15.96
N LEU A 46 15.33 7.67 15.36
CA LEU A 46 16.60 7.44 16.03
C LEU A 46 17.05 8.62 16.86
N PHE A 47 16.77 9.83 16.41
CA PHE A 47 17.35 11.04 17.01
C PHE A 47 16.37 11.67 17.99
N PRO A 48 16.91 12.31 19.02
CA PRO A 48 16.15 12.62 20.25
C PRO A 48 15.32 13.91 20.24
N TYR A 49 14.81 14.35 19.08
CA TYR A 49 13.95 15.53 19.02
C TYR A 49 12.54 15.24 18.47
N PRO A 50 11.89 14.15 18.89
CA PRO A 50 10.59 13.78 18.31
C PRO A 50 9.48 14.82 18.49
N LYS A 51 9.30 15.36 19.70
CA LYS A 51 8.25 16.36 19.96
C LYS A 51 8.46 17.65 19.19
N GLU A 52 9.71 18.12 19.11
CA GLU A 52 10.04 19.39 18.46
C GLU A 52 9.88 19.31 16.94
N VAL A 53 10.25 18.17 16.36
CA VAL A 53 10.05 17.94 14.92
C VAL A 53 8.57 18.05 14.58
N ILE A 54 7.72 17.46 15.40
CA ILE A 54 6.29 17.50 15.16
C ILE A 54 5.73 18.93 15.30
N GLU A 55 6.30 19.74 16.18
CA GLU A 55 5.86 21.12 16.35
C GLU A 55 6.19 22.00 15.15
N VAL A 56 7.34 21.73 14.52
CA VAL A 56 7.77 22.44 13.32
C VAL A 56 6.89 22.06 12.13
N ILE A 57 6.52 20.78 12.05
CA ILE A 57 5.66 20.30 10.97
C ILE A 57 4.25 20.87 11.15
N LYS A 58 3.76 20.85 12.40
CA LYS A 58 2.41 21.36 12.72
C LYS A 58 2.27 22.83 12.33
N ASP A 59 3.28 23.63 12.67
CA ASP A 59 3.28 25.06 12.35
C ASP A 59 3.34 25.27 10.84
N LEU A 60 4.12 24.43 10.16
CA LEU A 60 4.26 24.51 8.70
C LEU A 60 2.96 24.09 7.99
N THR A 61 2.19 23.20 8.61
CA THR A 61 0.93 22.72 8.04
C THR A 61 -0.17 23.80 8.16
N LYS A 62 -0.06 24.66 9.16
CA LYS A 62 -0.96 25.81 9.31
C LYS A 62 -0.76 26.88 8.24
N LYS A 63 0.50 27.09 7.85
CA LYS A 63 0.90 28.21 6.99
C LYS A 63 1.04 27.86 5.52
N GLU A 64 1.33 26.59 5.23
CA GLU A 64 1.60 26.11 3.88
C GLU A 64 0.70 24.93 3.52
N ASN A 65 0.68 24.61 2.22
CA ASN A 65 0.04 23.41 1.71
C ASN A 65 1.00 22.22 1.84
N VAL A 66 0.73 21.35 2.81
CA VAL A 66 1.61 20.24 3.17
C VAL A 66 0.83 18.91 3.17
N LYS A 67 1.42 17.88 2.58
CA LYS A 67 0.94 16.50 2.68
C LYS A 67 2.04 15.63 3.29
N ILE A 68 1.68 14.84 4.31
CA ILE A 68 2.63 14.03 5.10
C ILE A 68 2.22 12.54 5.05
N ILE A 69 3.21 11.64 5.03
CA ILE A 69 2.95 10.22 5.27
C ILE A 69 3.93 9.66 6.29
N ARG A 70 3.49 8.65 7.02
CA ARG A 70 4.30 8.05 8.04
C ARG A 70 5.20 6.95 7.46
N GLY A 71 6.29 6.68 8.16
CA GLY A 71 7.26 5.66 7.79
C GLY A 71 7.25 4.52 8.79
N LYS A 72 8.20 3.60 8.62
CA LYS A 72 8.35 2.39 9.42
C LYS A 72 8.39 2.64 10.94
N TYR A 73 9.24 3.58 11.35
CA TYR A 73 9.40 3.86 12.77
C TYR A 73 8.14 4.48 13.35
N ASP A 74 7.54 5.40 12.61
CA ASP A 74 6.28 5.99 13.01
C ASP A 74 5.20 4.93 13.19
N GLN A 75 5.18 3.93 12.31
CA GLN A 75 4.15 2.90 12.35
C GLN A 75 4.32 2.00 13.58
N ILE A 76 5.57 1.70 13.94
CA ILE A 76 5.86 0.90 15.12
C ILE A 76 5.29 1.55 16.39
N ILE A 77 5.35 2.87 16.49
CA ILE A 77 4.77 3.60 17.60
C ILE A 77 3.25 3.61 17.50
N ALA A 78 2.72 3.91 16.32
CA ALA A 78 1.28 4.02 16.11
C ALA A 78 0.56 2.69 16.32
N MET A 79 1.21 1.58 15.96
CA MET A 79 0.66 0.22 16.08
C MET A 79 0.22 -0.09 17.52
N SER A 80 0.91 0.46 18.51
CA SER A 80 0.75 0.06 19.92
C SER A 80 -0.62 0.40 20.51
N ASP A 81 -1.07 -0.46 21.42
CA ASP A 81 -2.31 -0.25 22.18
C ASP A 81 -2.32 1.18 22.75
N PRO A 82 -3.35 1.97 22.46
CA PRO A 82 -3.38 3.39 22.82
C PRO A 82 -3.36 3.76 24.31
N HIS A 83 -3.60 2.81 25.22
CA HIS A 83 -3.35 3.09 26.64
C HIS A 83 -2.51 1.99 27.31
N ALA A 84 -1.40 1.66 26.65
CA ALA A 84 -0.35 0.85 27.26
C ALA A 84 0.44 1.80 28.16
N THR A 85 1.07 1.24 29.20
CA THR A 85 1.74 2.04 30.23
C THR A 85 3.24 2.21 29.99
N ASP A 86 3.81 1.33 29.18
CA ASP A 86 5.24 1.40 28.84
C ASP A 86 5.47 0.89 27.39
N PRO A 87 6.64 1.18 26.81
CA PRO A 87 6.97 0.70 25.46
C PRO A 87 7.61 -0.69 25.44
N GLY A 88 7.17 -1.57 26.33
CA GLY A 88 7.76 -2.89 26.47
C GLY A 88 7.53 -3.82 25.28
N TYR A 89 6.45 -3.58 24.54
CA TYR A 89 6.12 -4.34 23.32
C TYR A 89 7.25 -4.32 22.27
N ILE A 90 7.98 -3.21 22.19
CA ILE A 90 9.10 -3.04 21.24
C ILE A 90 10.22 -4.08 21.42
N ASP A 91 10.43 -4.55 22.65
CA ASP A 91 11.48 -5.53 22.92
C ASP A 91 11.25 -6.89 22.23
N LYS A 92 10.00 -7.19 21.89
CA LYS A 92 9.67 -8.42 21.16
C LYS A 92 9.82 -8.35 19.63
N LEU A 93 10.07 -7.16 19.09
CA LEU A 93 10.18 -6.95 17.65
C LEU A 93 11.55 -7.31 17.10
N GLU A 94 11.61 -7.54 15.78
CA GLU A 94 12.85 -7.89 15.10
C GLU A 94 13.62 -6.64 14.70
N LEU A 95 14.29 -6.04 15.69
CA LEU A 95 15.03 -4.80 15.52
C LEU A 95 16.35 -4.86 16.27
N PRO A 96 17.42 -4.24 15.77
CA PRO A 96 18.68 -4.20 16.51
C PRO A 96 18.49 -3.54 17.88
N GLY A 97 19.33 -3.90 18.84
CA GLY A 97 19.22 -3.41 20.22
C GLY A 97 19.15 -1.89 20.35
N HIS A 98 20.05 -1.19 19.66
CA HIS A 98 20.09 0.28 19.70
C HIS A 98 18.83 0.93 19.10
N VAL A 99 18.19 0.26 18.15
CA VAL A 99 16.96 0.75 17.54
C VAL A 99 15.79 0.62 18.53
N LYS A 100 15.70 -0.54 19.18
CA LYS A 100 14.72 -0.75 20.25
C LYS A 100 14.78 0.38 21.28
N LYS A 101 15.99 0.73 21.72
CA LYS A 101 16.16 1.75 22.75
C LYS A 101 15.78 3.15 22.28
N ALA A 102 16.12 3.50 21.03
CA ALA A 102 15.69 4.78 20.46
C ALA A 102 14.17 4.91 20.36
N LEU A 103 13.50 3.83 19.98
CA LEU A 103 12.05 3.87 19.77
C LEU A 103 11.28 3.87 21.10
N LYS A 104 11.78 3.16 22.11
CA LYS A 104 11.19 3.20 23.45
C LYS A 104 11.25 4.62 24.02
N PHE A 105 12.39 5.29 23.83
CA PHE A 105 12.59 6.67 24.26
C PHE A 105 11.65 7.63 23.53
N THR A 106 11.45 7.39 22.23
CA THR A 106 10.54 8.19 21.42
C THR A 106 9.09 8.00 21.84
N TRP A 107 8.73 6.75 22.14
CA TRP A 107 7.38 6.42 22.61
C TRP A 107 7.04 7.20 23.89
N GLU A 108 7.98 7.23 24.85
CA GLU A 108 7.80 7.93 26.13
C GLU A 108 7.79 9.45 25.97
N LYS A 109 8.73 9.97 25.19
CA LYS A 109 8.88 11.41 25.00
C LYS A 109 7.70 12.04 24.26
N LEU A 110 7.03 11.27 23.42
CA LEU A 110 5.91 11.77 22.64
C LEU A 110 4.70 12.08 23.51
N GLY A 111 4.46 11.23 24.51
CA GLY A 111 3.27 11.32 25.33
C GLY A 111 2.10 10.72 24.58
N HIS A 112 0.89 10.79 25.14
CA HIS A 112 -0.30 10.33 24.44
C HIS A 112 -0.61 11.20 23.23
N GLU A 113 -0.44 12.51 23.37
CA GLU A 113 -0.77 13.44 22.30
C GLU A 113 0.13 13.29 21.07
N GLY A 114 1.41 12.99 21.30
CA GLY A 114 2.35 12.75 20.21
C GLY A 114 2.11 11.42 19.52
N ARG A 115 1.78 10.41 20.31
CA ARG A 115 1.50 9.09 19.78
C ARG A 115 0.24 9.14 18.92
N GLU A 116 -0.74 9.94 19.35
CA GLU A 116 -1.99 10.10 18.61
C GLU A 116 -1.77 10.88 17.32
N TYR A 117 -0.82 11.82 17.33
CA TYR A 117 -0.50 12.59 16.12
C TYR A 117 -0.01 11.64 14.99
N LEU A 118 0.87 10.70 15.36
CA LEU A 118 1.37 9.71 14.41
C LEU A 118 0.26 8.75 13.92
N ARG A 119 -0.70 8.44 14.80
CA ARG A 119 -1.84 7.59 14.42
C ARG A 119 -2.76 8.26 13.38
N ASP A 120 -2.73 9.59 13.32
CA ASP A 120 -3.50 10.37 12.34
C ASP A 120 -2.82 10.55 10.98
N LEU A 121 -1.53 10.21 10.89
CA LEU A 121 -0.79 10.40 9.63
C LEU A 121 -1.21 9.36 8.59
N PRO A 122 -1.46 9.79 7.35
CA PRO A 122 -1.70 8.87 6.23
C PRO A 122 -0.55 7.90 5.92
N ILE A 123 -0.89 6.77 5.34
CA ILE A 123 0.10 5.85 4.76
C ILE A 123 0.48 6.27 3.34
N TYR A 124 -0.52 6.70 2.56
CA TYR A 124 -0.35 6.98 1.13
C TYR A 124 -0.46 8.47 0.79
N LEU A 125 0.34 8.89 -0.21
CA LEU A 125 0.25 10.22 -0.78
C LEU A 125 -0.30 10.06 -2.18
N VAL A 126 -1.46 10.67 -2.44
CA VAL A 126 -2.04 10.69 -3.77
C VAL A 126 -2.38 12.16 -4.09
N ASP A 127 -1.81 12.68 -5.16
CA ASP A 127 -1.91 14.12 -5.45
C ASP A 127 -1.78 14.40 -6.95
N LYS A 128 -2.14 15.62 -7.35
CA LYS A 128 -1.87 16.12 -8.70
C LYS A 128 -0.96 17.34 -8.60
N ILE A 129 0.06 17.40 -9.46
CA ILE A 129 0.90 18.60 -9.63
C ILE A 129 1.13 18.85 -11.11
N GLY A 130 0.73 20.02 -11.60
CA GLY A 130 0.45 20.19 -13.01
C GLY A 130 -0.79 19.36 -13.26
N GLY A 131 -0.89 18.80 -14.47
CA GLY A 131 -1.92 17.81 -14.74
C GLY A 131 -1.36 16.40 -14.59
N ASN A 132 -0.46 16.22 -13.62
CA ASN A 132 0.26 14.98 -13.43
C ASN A 132 -0.11 14.33 -12.10
N GLU A 133 -0.56 13.08 -12.15
CA GLU A 133 -0.87 12.34 -10.93
C GLU A 133 0.40 11.75 -10.31
N VAL A 134 0.47 11.78 -8.98
CA VAL A 134 1.66 11.36 -8.23
C VAL A 134 1.21 10.40 -7.11
N PHE A 135 1.99 9.34 -6.90
CA PHE A 135 1.75 8.39 -5.80
C PHE A 135 3.01 8.30 -4.94
N GLY A 136 2.86 8.40 -3.62
CA GLY A 136 3.98 8.32 -2.69
C GLY A 136 3.73 7.33 -1.55
N VAL A 137 4.77 6.57 -1.21
CA VAL A 137 4.74 5.65 -0.08
C VAL A 137 6.15 5.57 0.54
N TYR A 138 6.23 5.20 1.81
CA TYR A 138 7.52 5.18 2.50
C TYR A 138 8.50 4.15 1.91
N GLY A 139 8.04 2.92 1.79
CA GLY A 139 8.92 1.78 1.56
C GLY A 139 8.93 1.40 0.10
N SER A 140 7.88 0.67 -0.29
CA SER A 140 7.63 0.33 -1.69
C SER A 140 6.12 0.15 -1.93
N PRO A 141 5.67 0.25 -3.18
CA PRO A 141 4.28 -0.08 -3.54
C PRO A 141 3.79 -1.46 -3.08
N ILE A 142 4.65 -2.48 -3.16
CA ILE A 142 4.29 -3.82 -2.69
C ILE A 142 4.13 -3.88 -1.17
N ASN A 143 5.03 -3.21 -0.45
CA ASN A 143 5.06 -3.26 1.01
C ASN A 143 5.37 -1.88 1.60
N PRO A 144 4.33 -1.12 1.96
CA PRO A 144 4.52 0.26 2.42
C PRO A 144 5.55 0.50 3.56
N PHE A 145 5.69 -0.39 4.52
CA PHE A 145 6.64 -0.14 5.63
C PHE A 145 7.92 -0.94 5.62
N ASP A 146 7.86 -2.17 5.13
CA ASP A 146 9.01 -3.04 5.12
C ASP A 146 9.65 -3.21 3.75
N GLY A 147 9.00 -2.68 2.72
CA GLY A 147 9.55 -2.68 1.38
C GLY A 147 10.74 -1.73 1.26
N GLU A 148 11.71 -2.11 0.41
CA GLU A 148 12.90 -1.31 0.18
C GLU A 148 13.15 -1.16 -1.30
N VAL A 149 13.15 0.08 -1.77
CA VAL A 149 13.61 0.37 -3.13
C VAL A 149 15.08 0.77 -3.03
N LEU A 150 15.94 0.13 -3.83
CA LEU A 150 17.37 0.37 -3.81
C LEU A 150 17.77 1.51 -4.76
N ALA A 151 18.80 2.25 -4.35
CA ALA A 151 19.45 3.25 -5.20
C ALA A 151 20.45 2.55 -6.12
N GLU A 152 20.89 3.23 -7.18
CA GLU A 152 21.99 2.75 -8.05
C GLU A 152 21.74 1.39 -8.73
N GLN A 153 20.49 1.18 -9.15
CA GLN A 153 20.12 0.02 -9.95
C GLN A 153 19.92 0.45 -11.41
N PRO A 154 19.90 -0.51 -12.33
CA PRO A 154 19.59 -0.19 -13.74
C PRO A 154 18.13 0.22 -13.95
N THR A 155 17.86 0.84 -15.10
CA THR A 155 16.54 1.33 -15.44
C THR A 155 15.47 0.22 -15.37
N SER A 156 15.82 -0.99 -15.79
CA SER A 156 14.88 -2.12 -15.76
C SER A 156 14.35 -2.45 -14.33
N TYR A 157 15.18 -2.26 -13.32
CA TYR A 157 14.77 -2.45 -11.93
C TYR A 157 13.63 -1.48 -11.57
N TYR A 158 13.81 -0.20 -11.90
CA TYR A 158 12.79 0.80 -11.56
C TYR A 158 11.52 0.66 -12.39
N GLU A 159 11.67 0.17 -13.64
CA GLU A 159 10.53 -0.06 -14.53
C GLU A 159 9.60 -1.12 -13.95
N ALA A 160 10.16 -2.21 -13.45
CA ALA A 160 9.36 -3.27 -12.84
C ALA A 160 8.68 -2.80 -11.55
N ILE A 161 9.30 -1.86 -10.84
CA ILE A 161 8.68 -1.29 -9.64
C ILE A 161 7.55 -0.32 -10.01
N MET A 162 7.71 0.43 -11.11
CA MET A 162 6.71 1.40 -11.53
C MET A 162 5.48 0.74 -12.16
N ARG A 163 5.65 -0.45 -12.71
CA ARG A 163 4.60 -1.06 -13.51
C ARG A 163 3.24 -1.24 -12.80
N PRO A 164 3.22 -1.70 -11.54
CA PRO A 164 1.94 -1.83 -10.80
C PRO A 164 1.33 -0.52 -10.34
N VAL A 165 2.06 0.59 -10.48
CA VAL A 165 1.53 1.93 -10.28
C VAL A 165 1.66 2.81 -11.55
N LYS A 166 1.55 2.20 -12.73
CA LYS A 166 1.73 2.91 -13.99
C LYS A 166 0.61 3.94 -14.31
N ASP A 167 -0.51 3.88 -13.58
CA ASP A 167 -1.56 4.88 -13.72
C ASP A 167 -1.08 6.27 -13.27
N TYR A 168 0.06 6.34 -12.60
CA TYR A 168 0.64 7.59 -12.09
C TYR A 168 1.84 8.01 -12.95
N GLU A 169 2.09 9.32 -13.00
CA GLU A 169 3.24 9.89 -13.71
C GLU A 169 4.54 9.82 -12.91
N MET A 170 4.41 9.82 -11.58
CA MET A 170 5.57 9.72 -10.69
C MET A 170 5.26 8.87 -9.45
N LEU A 171 6.26 8.09 -9.01
CA LEU A 171 6.25 7.42 -7.71
C LEU A 171 7.33 8.05 -6.85
N ILE A 172 6.98 8.47 -5.65
CA ILE A 172 7.95 8.97 -4.68
C ILE A 172 8.08 7.96 -3.52
N VAL A 173 9.31 7.53 -3.24
CA VAL A 173 9.60 6.63 -2.13
C VAL A 173 10.70 7.22 -1.24
N ALA A 174 10.70 6.87 0.03
CA ALA A 174 11.76 7.27 0.98
C ALA A 174 12.90 6.25 1.12
N SER A 175 12.62 4.98 0.90
CA SER A 175 13.52 3.91 1.30
C SER A 175 14.92 3.87 0.65
N PRO A 176 15.10 4.34 -0.59
CA PRO A 176 16.47 4.40 -1.13
C PRO A 176 17.50 5.15 -0.27
N MET A 177 17.06 6.20 0.43
CA MET A 177 17.90 7.06 1.29
C MET A 177 18.87 7.99 0.53
N TYR A 178 18.97 7.80 -0.78
CA TYR A 178 19.78 8.67 -1.63
C TYR A 178 18.88 9.22 -2.72
N PRO A 179 19.27 10.35 -3.32
CA PRO A 179 18.60 10.82 -4.54
C PRO A 179 18.47 9.72 -5.59
N VAL A 180 17.23 9.52 -6.07
CA VAL A 180 16.94 8.69 -7.23
C VAL A 180 16.07 9.52 -8.20
N ASP A 181 16.38 9.43 -9.50
CA ASP A 181 15.61 10.08 -10.54
C ASP A 181 15.71 9.20 -11.77
N ALA A 182 14.79 8.23 -11.87
CA ALA A 182 14.80 7.22 -12.91
C ALA A 182 13.56 7.33 -13.75
N MET A 183 13.71 7.87 -14.96
CA MET A 183 12.64 7.80 -15.97
C MET A 183 12.47 6.35 -16.44
N THR A 184 11.22 5.91 -16.52
CA THR A 184 10.88 4.61 -17.10
C THR A 184 9.72 4.81 -18.05
N ARG A 185 9.42 3.79 -18.83
CA ARG A 185 8.26 3.84 -19.73
C ARG A 185 6.90 3.94 -19.03
N TYR A 186 6.87 3.68 -17.71
CA TYR A 186 5.63 3.71 -16.94
C TYR A 186 5.52 4.95 -16.04
N GLY A 187 6.56 5.78 -16.05
CA GLY A 187 6.62 6.97 -15.20
C GLY A 187 7.98 7.10 -14.52
N ARG A 188 8.11 8.14 -13.71
CA ARG A 188 9.39 8.49 -13.09
C ARG A 188 9.40 8.07 -11.62
N VAL A 189 10.45 7.35 -11.20
CA VAL A 189 10.64 6.97 -9.80
C VAL A 189 11.64 7.91 -9.13
N VAL A 190 11.23 8.56 -8.05
CA VAL A 190 12.02 9.59 -7.39
C VAL A 190 12.15 9.32 -5.89
N CYS A 191 13.38 9.41 -5.39
CA CYS A 191 13.64 9.54 -3.97
C CYS A 191 14.34 10.88 -3.74
N PRO A 192 13.84 11.69 -2.82
CA PRO A 192 14.41 13.03 -2.59
C PRO A 192 15.73 13.02 -1.83
N GLY A 193 16.17 11.86 -1.36
CA GLY A 193 17.25 11.77 -0.41
C GLY A 193 16.75 11.72 1.03
N SER A 194 17.67 11.91 1.98
CA SER A 194 17.38 11.81 3.39
C SER A 194 17.72 13.11 4.08
N VAL A 195 16.76 13.68 4.80
CA VAL A 195 16.93 14.93 5.54
C VAL A 195 17.74 14.70 6.81
N GLY A 196 17.34 13.73 7.63
CA GLY A 196 17.89 13.55 8.96
C GLY A 196 18.52 12.21 9.31
N PHE A 197 18.38 11.22 8.43
CA PHE A 197 18.96 9.90 8.67
C PHE A 197 20.17 9.71 7.76
N PRO A 198 21.37 9.90 8.30
CA PRO A 198 22.58 9.73 7.49
C PRO A 198 22.72 8.31 6.93
N PRO A 199 22.82 8.20 5.60
CA PRO A 199 23.06 6.90 4.97
C PRO A 199 24.55 6.50 5.02
N GLY A 200 25.41 7.51 5.13
CA GLY A 200 26.84 7.30 5.21
C GLY A 200 27.53 8.47 5.90
N LYS A 201 28.83 8.63 5.63
CA LYS A 201 29.61 9.70 6.24
C LYS A 201 29.31 11.10 5.69
N GLU A 202 29.73 12.11 6.45
CA GLU A 202 29.66 13.53 6.06
C GLU A 202 28.27 13.93 5.52
N HIS A 203 27.22 13.45 6.17
CA HIS A 203 25.86 13.63 5.68
C HIS A 203 25.39 15.09 5.76
N LYS A 204 24.79 15.58 4.67
CA LYS A 204 24.08 16.84 4.67
C LYS A 204 22.58 16.55 4.49
N ALA A 205 21.74 17.43 5.04
CA ALA A 205 20.29 17.33 4.84
C ALA A 205 19.98 17.47 3.34
N THR A 206 19.38 16.41 2.80
CA THR A 206 19.12 16.30 1.37
C THR A 206 17.61 16.22 1.12
N PHE A 207 17.16 17.01 0.15
CA PHE A 207 15.76 17.02 -0.27
C PHE A 207 15.68 17.45 -1.73
N ALA A 208 14.48 17.44 -2.31
CA ALA A 208 14.32 17.77 -3.72
C ALA A 208 13.27 18.86 -3.97
N LEU A 209 13.46 19.60 -5.07
CA LEU A 209 12.42 20.46 -5.61
C LEU A 209 11.99 19.83 -6.92
N VAL A 210 10.73 19.44 -7.02
CA VAL A 210 10.23 18.80 -8.21
C VAL A 210 9.47 19.83 -9.05
N ASP A 211 10.02 20.09 -10.23
CA ASP A 211 9.42 20.96 -11.24
C ASP A 211 8.02 20.44 -11.53
N VAL A 212 7.01 21.28 -11.34
CA VAL A 212 5.61 20.88 -11.54
C VAL A 212 5.29 20.52 -13.01
N ASP A 213 5.95 21.19 -13.95
CA ASP A 213 5.73 20.95 -15.38
C ASP A 213 6.43 19.68 -15.89
N THR A 214 7.73 19.55 -15.66
CA THR A 214 8.53 18.45 -16.21
C THR A 214 8.65 17.24 -15.28
N LEU A 215 8.38 17.45 -13.99
CA LEU A 215 8.63 16.46 -12.94
C LEU A 215 10.12 16.10 -12.78
N LYS A 216 11.01 17.02 -13.15
CA LYS A 216 12.45 16.81 -12.99
C LYS A 216 12.84 17.28 -11.58
N PRO A 217 13.45 16.41 -10.79
CA PRO A 217 13.90 16.77 -9.45
C PRO A 217 15.25 17.52 -9.45
N LYS A 218 15.33 18.56 -8.62
CA LYS A 218 16.56 19.28 -8.35
C LYS A 218 16.97 18.96 -6.92
N PHE A 219 18.11 18.30 -6.74
CA PHE A 219 18.51 17.87 -5.40
C PHE A 219 19.36 18.93 -4.71
N ILE A 220 19.01 19.20 -3.46
CA ILE A 220 19.62 20.25 -2.67
C ILE A 220 20.21 19.64 -1.40
N GLU A 221 21.43 20.04 -1.07
CA GLU A 221 22.14 19.56 0.11
C GLU A 221 22.51 20.72 1.04
N VAL A 222 22.16 20.60 2.31
CA VAL A 222 22.32 21.68 3.29
C VAL A 222 23.08 21.15 4.51
N GLU A 223 24.01 21.96 5.01
CA GLU A 223 24.84 21.59 6.14
C GLU A 223 24.07 21.84 7.43
N TYR A 224 24.32 21.00 8.44
CA TYR A 224 23.80 21.21 9.79
C TYR A 224 24.79 20.73 10.86
N ASP A 225 24.52 21.09 12.11
CA ASP A 225 25.43 20.79 13.22
C ASP A 225 25.14 19.44 13.88
N LYS A 226 26.08 18.53 13.76
CA LYS A 226 25.96 17.21 14.37
C LYS A 226 26.38 17.19 15.83
N LYS A 227 27.22 18.14 16.26
CA LYS A 227 27.72 18.11 17.64
C LYS A 227 26.62 18.33 18.67
N ILE A 228 25.71 19.26 18.41
CA ILE A 228 24.57 19.49 19.31
C ILE A 228 23.69 18.24 19.42
N ILE A 229 23.62 17.48 18.33
CA ILE A 229 22.85 16.23 18.32
C ILE A 229 23.59 15.19 19.16
N GLU A 230 24.89 15.09 18.93
CA GLU A 230 25.75 14.19 19.71
C GLU A 230 25.61 14.47 21.21
N GLU A 231 25.55 15.75 21.59
CA GLU A 231 25.43 16.16 22.99
C GLU A 231 24.09 15.75 23.59
N ARG A 232 23.01 15.90 22.81
CA ARG A 232 21.67 15.50 23.25
C ARG A 232 21.55 13.98 23.40
N ILE A 233 22.19 13.21 22.52
CA ILE A 233 22.19 11.75 22.62
C ILE A 233 22.83 11.31 23.94
N ARG A 234 24.02 11.82 24.23
CA ARG A 234 24.73 11.50 25.48
C ARG A 234 23.97 11.97 26.72
N ALA A 235 23.44 13.19 26.68
CA ALA A 235 22.70 13.75 27.82
C ALA A 235 21.42 12.97 28.15
N GLU A 236 20.83 12.35 27.13
CA GLU A 236 19.57 11.60 27.29
C GLU A 236 19.77 10.11 27.59
N GLY A 237 21.02 9.64 27.54
CA GLY A 237 21.36 8.26 27.88
C GLY A 237 21.22 7.22 26.77
N LEU A 238 21.01 7.65 25.52
CA LEU A 238 20.82 6.73 24.40
C LEU A 238 22.15 6.09 23.96
N PRO A 239 22.11 4.93 23.31
CA PRO A 239 23.32 4.15 23.01
C PRO A 239 24.35 4.87 22.13
N GLU A 240 25.61 4.48 22.27
CA GLU A 240 26.69 5.05 21.46
C GLU A 240 26.55 4.72 19.97
N GLU A 241 25.81 3.67 19.63
CA GLU A 241 25.61 3.30 18.22
C GLU A 241 24.81 4.35 17.43
N ILE A 242 23.99 5.15 18.11
CA ILE A 242 23.23 6.21 17.44
C ILE A 242 24.19 7.33 17.04
N ILE A 243 25.21 7.55 17.86
CA ILE A 243 26.27 8.49 17.52
C ILE A 243 27.08 7.98 16.32
N LYS A 244 27.34 6.67 16.27
CA LYS A 244 28.05 6.08 15.13
C LYS A 244 27.27 6.22 13.83
N ILE A 245 25.94 6.18 13.90
CA ILE A 245 25.08 6.37 12.73
C ILE A 245 25.10 7.84 12.29
N LEU A 246 25.10 8.75 13.26
CA LEU A 246 25.16 10.17 13.01
C LEU A 246 26.36 10.52 12.12
N TYR A 247 27.50 9.89 12.37
CA TYR A 247 28.75 10.20 11.68
C TYR A 247 29.18 9.24 10.57
N HIS A 248 28.69 8.00 10.57
CA HIS A 248 29.12 6.98 9.59
C HIS A 248 28.00 6.30 8.81
N GLY A 249 26.76 6.50 9.23
CA GLY A 249 25.62 6.10 8.46
C GLY A 249 24.98 4.83 8.96
N GLY A 250 23.78 4.57 8.46
CA GLY A 250 23.04 3.37 8.78
C GLY A 250 21.81 3.25 7.90
N ARG A 251 21.00 2.22 8.15
CA ARG A 251 19.75 1.98 7.42
C ARG A 251 18.63 1.70 8.43
N PRO A 252 17.45 2.30 8.24
CA PRO A 252 16.28 1.93 9.05
C PRO A 252 15.81 0.50 8.77
C MET B 1 -29.73 3.01 -9.59
N VAL B 2 -28.80 3.80 -9.02
CA VAL B 2 -27.42 3.87 -9.54
C VAL B 2 -26.41 3.25 -8.55
N TYR B 3 -25.68 2.23 -9.01
CA TYR B 3 -24.79 1.45 -8.16
C TYR B 3 -23.45 1.17 -8.84
N VAL B 4 -22.43 0.92 -8.02
CA VAL B 4 -21.19 0.31 -8.49
C VAL B 4 -21.20 -1.17 -8.08
N ALA B 5 -20.97 -2.04 -9.05
CA ALA B 5 -20.86 -3.48 -8.80
C ALA B 5 -19.45 -3.79 -8.30
N VAL B 6 -19.34 -4.32 -7.09
CA VAL B 6 -18.04 -4.59 -6.46
C VAL B 6 -17.92 -6.10 -6.27
N LEU B 7 -16.89 -6.67 -6.90
CA LEU B 7 -16.63 -8.11 -6.89
C LEU B 7 -15.19 -8.35 -6.43
N ALA B 8 -14.95 -9.48 -5.76
CA ALA B 8 -13.63 -9.84 -5.25
C ALA B 8 -13.42 -11.34 -5.22
N ASN B 9 -12.16 -11.75 -5.29
CA ASN B 9 -11.75 -13.14 -5.05
C ASN B 9 -12.42 -14.13 -6.02
N ILE B 10 -12.32 -13.84 -7.31
CA ILE B 10 -12.74 -14.78 -8.34
C ILE B 10 -11.91 -16.08 -8.26
N ALA B 11 -10.60 -15.93 -8.08
CA ALA B 11 -9.67 -17.03 -7.81
C ALA B 11 -9.69 -18.17 -8.85
N GLY B 12 -9.87 -17.81 -10.12
CA GLY B 12 -9.88 -18.76 -11.22
C GLY B 12 -11.17 -19.55 -11.37
N ASN B 13 -12.22 -19.13 -10.65
CA ASN B 13 -13.50 -19.82 -10.65
C ASN B 13 -14.45 -19.25 -11.70
N LEU B 14 -14.38 -19.77 -12.92
CA LEU B 14 -15.21 -19.25 -14.03
C LEU B 14 -16.72 -19.37 -13.78
N PRO B 15 -17.24 -20.54 -13.37
CA PRO B 15 -18.68 -20.67 -13.10
C PRO B 15 -19.26 -19.69 -12.09
N ALA B 16 -18.51 -19.37 -11.04
CA ALA B 16 -18.98 -18.42 -10.05
C ALA B 16 -19.00 -17.02 -10.67
N LEU B 17 -17.93 -16.67 -11.39
CA LEU B 17 -17.87 -15.36 -12.03
C LEU B 17 -19.03 -15.19 -13.03
N THR B 18 -19.21 -16.19 -13.90
CA THR B 18 -20.31 -16.21 -14.86
C THR B 18 -21.67 -16.02 -14.20
N ALA B 19 -21.91 -16.71 -13.09
CA ALA B 19 -23.17 -16.59 -12.36
C ALA B 19 -23.39 -15.19 -11.77
N ALA B 20 -22.31 -14.57 -11.29
CA ALA B 20 -22.42 -13.23 -10.70
C ALA B 20 -22.75 -12.18 -11.76
N LEU B 21 -22.06 -12.24 -12.90
CA LEU B 21 -22.27 -11.28 -13.97
C LEU B 21 -23.63 -11.44 -14.63
N SER B 22 -24.10 -12.68 -14.77
CA SER B 22 -25.45 -12.93 -15.30
C SER B 22 -26.52 -12.39 -14.35
N ARG B 23 -26.31 -12.53 -13.04
CA ARG B 23 -27.23 -11.97 -12.05
C ARG B 23 -27.25 -10.44 -12.15
N ILE B 24 -26.08 -9.84 -12.36
CA ILE B 24 -25.99 -8.40 -12.52
C ILE B 24 -26.81 -7.94 -13.74
N GLU B 25 -26.77 -8.72 -14.82
CA GLU B 25 -27.52 -8.40 -16.03
C GLU B 25 -29.02 -8.51 -15.80
N GLU B 26 -29.45 -9.50 -15.02
CA GLU B 26 -30.86 -9.67 -14.65
C GLU B 26 -31.32 -8.47 -13.83
N MET B 27 -30.48 -8.04 -12.89
CA MET B 27 -30.81 -6.93 -12.01
C MET B 27 -30.91 -5.61 -12.79
N ARG B 28 -30.14 -5.47 -13.86
CA ARG B 28 -30.31 -4.32 -14.77
C ARG B 28 -31.72 -4.29 -15.38
N GLU B 29 -32.23 -5.46 -15.74
CA GLU B 29 -33.60 -5.59 -16.27
C GLU B 29 -34.62 -5.25 -15.18
N GLU B 30 -34.23 -5.39 -13.92
CA GLU B 30 -35.10 -5.11 -12.77
C GLU B 30 -34.96 -3.69 -12.20
N GLY B 31 -34.37 -2.77 -12.96
CA GLY B 31 -34.29 -1.36 -12.54
C GLY B 31 -33.03 -0.92 -11.80
N TYR B 32 -32.06 -1.82 -11.66
CA TYR B 32 -30.77 -1.46 -11.07
C TYR B 32 -29.83 -0.95 -12.15
N GLU B 33 -29.54 0.34 -12.12
CA GLU B 33 -28.59 0.94 -13.05
C GLU B 33 -27.16 0.72 -12.51
N ILE B 34 -26.31 0.04 -13.28
CA ILE B 34 -24.92 -0.20 -12.89
C ILE B 34 -24.00 0.76 -13.64
N GLU B 35 -23.51 1.77 -12.92
CA GLU B 35 -22.58 2.76 -13.47
C GLU B 35 -21.25 2.16 -13.91
N LYS B 36 -20.69 1.28 -13.07
CA LYS B 36 -19.34 0.75 -13.28
C LYS B 36 -19.03 -0.42 -12.34
N TYR B 37 -17.88 -1.04 -12.56
CA TYR B 37 -17.46 -2.24 -11.85
C TYR B 37 -16.10 -2.04 -11.20
N TYR B 38 -15.97 -2.51 -9.95
CA TYR B 38 -14.67 -2.70 -9.31
C TYR B 38 -14.44 -4.20 -9.14
N ILE B 39 -13.28 -4.70 -9.53
CA ILE B 39 -12.97 -6.13 -9.37
C ILE B 39 -11.66 -6.23 -8.64
N LEU B 40 -11.72 -6.83 -7.45
CA LEU B 40 -10.58 -6.97 -6.57
C LEU B 40 -10.07 -8.39 -6.69
N GLY B 41 -8.77 -8.58 -6.50
CA GLY B 41 -8.20 -9.92 -6.52
C GLY B 41 -8.71 -10.75 -5.34
N ASN B 42 -8.35 -12.04 -5.27
CA ASN B 42 -7.55 -12.72 -6.28
C ASN B 42 -8.32 -12.93 -7.57
N ILE B 43 -7.67 -12.65 -8.70
CA ILE B 43 -8.29 -12.87 -10.01
C ILE B 43 -8.11 -14.34 -10.41
N VAL B 44 -6.87 -14.81 -10.35
CA VAL B 44 -6.57 -16.22 -10.60
C VAL B 44 -6.21 -16.89 -9.28
N GLY B 45 -6.09 -18.21 -9.27
CA GLY B 45 -5.72 -18.86 -8.03
C GLY B 45 -5.76 -20.37 -7.99
N LEU B 46 -6.68 -20.90 -7.20
CA LEU B 46 -6.73 -22.32 -6.94
C LEU B 46 -7.55 -23.04 -7.98
N PHE B 47 -8.49 -22.35 -8.60
CA PHE B 47 -9.42 -23.01 -9.50
C PHE B 47 -8.95 -22.90 -10.96
N PRO B 48 -9.27 -23.93 -11.74
CA PRO B 48 -8.57 -24.18 -13.01
C PRO B 48 -9.10 -23.48 -14.24
N TYR B 49 -9.59 -22.24 -14.12
CA TYR B 49 -10.01 -21.49 -15.30
C TYR B 49 -9.33 -20.10 -15.44
N PRO B 50 -8.02 -19.99 -15.19
CA PRO B 50 -7.36 -18.68 -15.20
C PRO B 50 -7.41 -17.90 -16.53
N LYS B 51 -7.19 -18.58 -17.66
CA LYS B 51 -7.27 -17.92 -18.96
C LYS B 51 -8.69 -17.48 -19.30
N GLU B 52 -9.68 -18.28 -18.90
CA GLU B 52 -11.09 -18.00 -19.23
C GLU B 52 -11.63 -16.82 -18.42
N VAL B 53 -11.26 -16.76 -17.14
CA VAL B 53 -11.60 -15.63 -16.26
C VAL B 53 -11.04 -14.34 -16.86
N ILE B 54 -9.79 -14.36 -17.31
CA ILE B 54 -9.18 -13.16 -17.87
C ILE B 54 -9.90 -12.71 -19.16
N GLU B 55 -10.28 -13.66 -20.01
CA GLU B 55 -11.02 -13.34 -21.25
C GLU B 55 -12.35 -12.61 -20.96
N VAL B 56 -13.08 -13.11 -19.97
CA VAL B 56 -14.36 -12.54 -19.56
C VAL B 56 -14.18 -11.11 -19.04
N ILE B 57 -13.13 -10.89 -18.25
CA ILE B 57 -12.84 -9.57 -17.70
C ILE B 57 -12.43 -8.62 -18.82
N LYS B 58 -11.65 -9.10 -19.78
CA LYS B 58 -11.20 -8.25 -20.89
C LYS B 58 -12.38 -7.78 -21.76
N ASP B 59 -13.34 -8.68 -22.02
CA ASP B 59 -14.56 -8.32 -22.76
C ASP B 59 -15.38 -7.28 -21.99
N LEU B 60 -15.47 -7.45 -20.67
CA LEU B 60 -16.23 -6.54 -19.82
C LEU B 60 -15.56 -5.17 -19.77
N THR B 61 -14.24 -5.16 -19.77
CA THR B 61 -13.47 -3.92 -19.70
C THR B 61 -13.66 -3.08 -20.97
N LYS B 62 -13.86 -3.75 -22.11
CA LYS B 62 -14.17 -3.09 -23.38
C LYS B 62 -15.59 -2.51 -23.38
N LYS B 63 -16.55 -3.29 -22.89
CA LYS B 63 -17.98 -2.94 -22.93
C LYS B 63 -18.42 -1.98 -21.82
N GLU B 64 -17.74 -2.03 -20.67
CA GLU B 64 -18.15 -1.27 -19.47
C GLU B 64 -16.98 -0.49 -18.88
N ASN B 65 -17.28 0.32 -17.88
CA ASN B 65 -16.28 1.01 -17.08
C ASN B 65 -15.85 0.08 -15.95
N VAL B 66 -14.63 -0.45 -16.03
CA VAL B 66 -14.12 -1.46 -15.11
C VAL B 66 -12.76 -1.05 -14.53
N LYS B 67 -12.60 -1.16 -13.22
CA LYS B 67 -11.31 -0.98 -12.55
C LYS B 67 -10.96 -2.26 -11.75
N ILE B 68 -9.72 -2.72 -11.91
CA ILE B 68 -9.29 -4.02 -11.42
C ILE B 68 -8.02 -3.85 -10.58
N ILE B 69 -7.89 -4.60 -9.49
CA ILE B 69 -6.64 -4.69 -8.75
C ILE B 69 -6.28 -6.15 -8.48
N ARG B 70 -4.97 -6.39 -8.38
CA ARG B 70 -4.48 -7.74 -8.23
C ARG B 70 -4.43 -8.11 -6.76
N GLY B 71 -4.53 -9.40 -6.49
CA GLY B 71 -4.46 -9.96 -5.15
C GLY B 71 -3.19 -10.78 -4.93
N LYS B 72 -3.11 -11.40 -3.76
CA LYS B 72 -1.92 -12.15 -3.32
C LYS B 72 -1.45 -13.21 -4.34
N TYR B 73 -2.37 -14.04 -4.82
CA TYR B 73 -2.01 -15.08 -5.80
C TYR B 73 -1.57 -14.48 -7.13
N ASP B 74 -2.26 -13.45 -7.57
CA ASP B 74 -1.87 -12.72 -8.79
C ASP B 74 -0.45 -12.17 -8.70
N GLN B 75 -0.10 -11.63 -7.53
CA GLN B 75 1.23 -11.10 -7.27
C GLN B 75 2.30 -12.18 -7.28
N ILE B 76 2.01 -13.36 -6.73
CA ILE B 76 2.98 -14.47 -6.73
C ILE B 76 3.35 -14.83 -8.18
N ILE B 77 2.37 -14.86 -9.08
CA ILE B 77 2.65 -15.09 -10.50
C ILE B 77 3.39 -13.90 -11.14
N ALA B 78 2.91 -12.68 -10.88
CA ALA B 78 3.43 -11.50 -11.57
C ALA B 78 4.90 -11.24 -11.21
N MET B 79 5.28 -11.56 -9.97
CA MET B 79 6.63 -11.25 -9.47
C MET B 79 7.73 -12.12 -10.13
N SER B 80 7.35 -13.23 -10.75
CA SER B 80 8.31 -14.14 -11.40
C SER B 80 9.07 -13.48 -12.54
N ASP B 81 10.32 -13.92 -12.73
CA ASP B 81 11.15 -13.55 -13.87
C ASP B 81 10.36 -13.77 -15.16
N PRO B 82 10.20 -12.74 -15.99
CA PRO B 82 9.44 -12.87 -17.25
C PRO B 82 10.03 -13.87 -18.26
N HIS B 83 11.32 -14.21 -18.13
CA HIS B 83 11.97 -15.16 -19.03
C HIS B 83 12.06 -16.58 -18.45
N ALA B 84 11.39 -16.83 -17.33
CA ALA B 84 11.46 -18.14 -16.67
C ALA B 84 10.78 -19.19 -17.54
N THR B 85 11.32 -20.41 -17.52
CA THR B 85 10.83 -21.49 -18.38
C THR B 85 9.90 -22.45 -17.65
N ASP B 86 9.96 -22.45 -16.31
CA ASP B 86 8.99 -23.21 -15.51
C ASP B 86 8.66 -22.48 -14.19
N PRO B 87 7.60 -22.92 -13.50
CA PRO B 87 7.20 -22.29 -12.24
C PRO B 87 7.88 -22.88 -10.99
N GLY B 88 9.15 -23.25 -11.10
CA GLY B 88 9.90 -23.86 -10.01
C GLY B 88 10.13 -22.94 -8.84
N TYR B 89 10.27 -21.65 -9.11
CA TYR B 89 10.42 -20.63 -8.05
C TYR B 89 9.35 -20.72 -6.94
N ILE B 90 8.15 -21.22 -7.27
CA ILE B 90 7.04 -21.29 -6.31
C ILE B 90 7.31 -22.26 -5.14
N ASP B 91 8.04 -23.33 -5.39
CA ASP B 91 8.35 -24.33 -4.36
C ASP B 91 9.17 -23.77 -3.20
N LYS B 92 9.94 -22.72 -3.48
CA LYS B 92 10.72 -22.02 -2.45
C LYS B 92 9.88 -21.18 -1.50
N LEU B 93 8.68 -20.80 -1.92
CA LEU B 93 7.82 -19.90 -1.13
C LEU B 93 7.13 -20.59 0.03
N GLU B 94 6.82 -19.81 1.07
CA GLU B 94 6.15 -20.30 2.27
C GLU B 94 4.65 -20.46 2.02
N LEU B 95 4.28 -21.62 1.47
CA LEU B 95 2.90 -21.90 1.08
C LEU B 95 2.56 -23.38 1.27
N PRO B 96 1.29 -23.68 1.56
CA PRO B 96 0.82 -25.08 1.60
C PRO B 96 1.07 -25.82 0.27
N GLY B 97 1.25 -27.13 0.34
CA GLY B 97 1.63 -27.92 -0.82
C GLY B 97 0.65 -27.85 -1.98
N HIS B 98 -0.63 -27.99 -1.67
CA HIS B 98 -1.71 -27.93 -2.65
C HIS B 98 -1.84 -26.55 -3.33
N VAL B 99 -1.47 -25.49 -2.60
CA VAL B 99 -1.49 -24.13 -3.13
C VAL B 99 -0.33 -23.94 -4.13
N LYS B 100 0.85 -24.45 -3.81
CA LYS B 100 1.99 -24.41 -4.72
C LYS B 100 1.63 -25.03 -6.06
N LYS B 101 0.95 -26.17 -6.02
CA LYS B 101 0.61 -26.91 -7.24
C LYS B 101 -0.46 -26.20 -8.08
N ALA B 102 -1.42 -25.59 -7.41
CA ALA B 102 -2.46 -24.82 -8.11
C ALA B 102 -1.86 -23.61 -8.82
N LEU B 103 -0.91 -22.95 -8.16
CA LEU B 103 -0.29 -21.75 -8.72
C LEU B 103 0.73 -22.05 -9.83
N LYS B 104 1.38 -23.22 -9.74
CA LYS B 104 2.30 -23.67 -10.78
C LYS B 104 1.49 -23.98 -12.03
N PHE B 105 0.36 -24.67 -11.86
CA PHE B 105 -0.59 -24.96 -12.93
C PHE B 105 -1.08 -23.67 -13.59
N THR B 106 -1.42 -22.69 -12.76
CA THR B 106 -1.92 -21.41 -13.24
C THR B 106 -0.85 -20.68 -14.06
N TRP B 107 0.37 -20.67 -13.54
CA TRP B 107 1.51 -20.05 -14.22
C TRP B 107 1.66 -20.60 -15.65
N GLU B 108 1.61 -21.92 -15.78
CA GLU B 108 1.80 -22.59 -17.08
C GLU B 108 0.65 -22.28 -18.04
N LYS B 109 -0.58 -22.43 -17.55
CA LYS B 109 -1.77 -22.28 -18.37
C LYS B 109 -1.99 -20.85 -18.88
N LEU B 110 -1.46 -19.87 -18.14
CA LEU B 110 -1.59 -18.46 -18.54
C LEU B 110 -0.75 -18.13 -19.77
N GLY B 111 0.43 -18.77 -19.89
CA GLY B 111 1.38 -18.43 -20.93
C GLY B 111 2.04 -17.09 -20.64
N HIS B 112 2.80 -16.57 -21.60
CA HIS B 112 3.43 -15.27 -21.43
C HIS B 112 2.41 -14.14 -21.47
N GLU B 113 1.36 -14.28 -22.29
CA GLU B 113 0.36 -13.22 -22.45
C GLU B 113 -0.48 -13.04 -21.19
N GLY B 114 -0.81 -14.16 -20.54
CA GLY B 114 -1.58 -14.15 -19.31
C GLY B 114 -0.80 -13.64 -18.11
N ARG B 115 0.47 -14.03 -18.01
CA ARG B 115 1.36 -13.52 -16.96
C ARG B 115 1.53 -12.01 -17.09
N GLU B 116 1.68 -11.57 -18.34
CA GLU B 116 1.87 -10.16 -18.67
C GLU B 116 0.63 -9.32 -18.28
N TYR B 117 -0.55 -9.90 -18.48
CA TYR B 117 -1.80 -9.26 -18.11
C TYR B 117 -1.82 -8.99 -16.59
N LEU B 118 -1.40 -9.96 -15.79
CA LEU B 118 -1.37 -9.77 -14.33
C LEU B 118 -0.34 -8.72 -13.92
N ARG B 119 0.76 -8.63 -14.69
CA ARG B 119 1.83 -7.67 -14.42
C ARG B 119 1.37 -6.23 -14.63
N ASP B 120 0.41 -6.05 -15.53
CA ASP B 120 -0.19 -4.75 -15.80
C ASP B 120 -1.27 -4.36 -14.78
N LEU B 121 -1.75 -5.29 -13.97
CA LEU B 121 -2.79 -4.99 -13.00
C LEU B 121 -2.30 -4.04 -11.90
N PRO B 122 -3.06 -3.00 -11.61
CA PRO B 122 -2.75 -2.13 -10.47
C PRO B 122 -2.82 -2.83 -9.12
N ILE B 123 -2.04 -2.36 -8.16
CA ILE B 123 -2.17 -2.79 -6.74
C ILE B 123 -3.30 -2.06 -6.06
N TYR B 124 -3.46 -0.76 -6.36
CA TYR B 124 -4.32 0.16 -5.61
C TYR B 124 -5.48 0.65 -6.48
N LEU B 125 -6.66 0.76 -5.88
CA LEU B 125 -7.82 1.39 -6.49
C LEU B 125 -8.00 2.73 -5.81
N VAL B 126 -7.93 3.81 -6.58
CA VAL B 126 -8.23 5.16 -6.09
C VAL B 126 -9.22 5.80 -7.07
N ASP B 127 -10.44 6.04 -6.62
CA ASP B 127 -11.52 6.42 -7.53
C ASP B 127 -12.50 7.33 -6.80
N LYS B 128 -13.41 7.95 -7.55
CA LYS B 128 -14.52 8.69 -6.97
C LYS B 128 -15.84 8.09 -7.43
N ILE B 129 -16.76 7.91 -6.48
CA ILE B 129 -18.15 7.61 -6.81
C ILE B 129 -19.05 8.63 -6.14
N GLY B 130 -19.82 9.32 -6.97
CA GLY B 130 -20.48 10.54 -6.56
C GLY B 130 -19.43 11.58 -6.20
N GLY B 131 -19.62 12.22 -5.06
CA GLY B 131 -18.63 13.16 -4.54
C GLY B 131 -17.66 12.50 -3.56
N ASN B 132 -17.80 11.18 -3.37
CA ASN B 132 -17.03 10.45 -2.37
C ASN B 132 -15.74 9.84 -2.97
N GLU B 133 -14.63 9.94 -2.26
CA GLU B 133 -13.38 9.30 -2.69
C GLU B 133 -13.28 7.91 -2.07
N VAL B 134 -12.80 6.94 -2.85
CA VAL B 134 -12.73 5.52 -2.48
C VAL B 134 -11.29 5.03 -2.62
N PHE B 135 -10.80 4.28 -1.64
CA PHE B 135 -9.49 3.62 -1.71
C PHE B 135 -9.71 2.10 -1.63
N GLY B 136 -9.09 1.34 -2.51
CA GLY B 136 -9.21 -0.11 -2.50
C GLY B 136 -7.87 -0.82 -2.55
N VAL B 137 -7.76 -1.92 -1.80
CA VAL B 137 -6.58 -2.77 -1.77
C VAL B 137 -7.00 -4.19 -1.38
N TYR B 138 -6.23 -5.18 -1.80
CA TYR B 138 -6.59 -6.58 -1.60
C TYR B 138 -6.61 -6.96 -0.12
N GLY B 139 -5.51 -6.69 0.57
CA GLY B 139 -5.29 -7.23 1.91
C GLY B 139 -5.70 -6.26 2.99
N SER B 140 -4.83 -5.30 3.25
CA SER B 140 -5.07 -4.23 4.22
C SER B 140 -4.22 -3.02 3.83
N PRO B 141 -4.63 -1.80 4.20
CA PRO B 141 -3.80 -0.61 3.99
C PRO B 141 -2.33 -0.76 4.37
N ILE B 142 -2.06 -1.35 5.54
CA ILE B 142 -0.69 -1.54 6.01
C ILE B 142 0.10 -2.54 5.15
N ASN B 143 -0.57 -3.60 4.68
CA ASN B 143 0.08 -4.68 3.93
C ASN B 143 -0.84 -5.20 2.81
N PRO B 144 -0.69 -4.64 1.62
CA PRO B 144 -1.55 -4.95 0.47
C PRO B 144 -1.80 -6.42 0.11
N PHE B 145 -0.78 -7.26 0.17
CA PHE B 145 -0.94 -8.65 -0.23
C PHE B 145 -1.02 -9.63 0.95
N ASP B 146 -0.32 -9.33 2.03
CA ASP B 146 -0.29 -10.24 3.19
C ASP B 146 -1.13 -9.76 4.38
N GLY B 147 -1.67 -8.54 4.28
CA GLY B 147 -2.55 -8.03 5.32
C GLY B 147 -3.91 -8.71 5.34
N GLU B 148 -4.51 -8.79 6.52
CA GLU B 148 -5.78 -9.48 6.73
C GLU B 148 -6.70 -8.64 7.60
N VAL B 149 -7.84 -8.24 7.05
CA VAL B 149 -8.88 -7.56 7.79
C VAL B 149 -9.93 -8.63 8.09
N LEU B 150 -10.34 -8.75 9.35
CA LEU B 150 -11.30 -9.78 9.73
C LEU B 150 -12.74 -9.28 9.60
N ALA B 151 -13.65 -10.21 9.33
CA ALA B 151 -15.09 -9.96 9.36
C ALA B 151 -15.62 -10.05 10.80
N GLU B 152 -16.85 -9.59 11.03
CA GLU B 152 -17.58 -9.72 12.31
C GLU B 152 -16.85 -9.15 13.54
N GLN B 153 -16.17 -8.01 13.37
CA GLN B 153 -15.52 -7.32 14.46
C GLN B 153 -16.33 -6.10 14.90
N PRO B 154 -16.09 -5.60 16.11
CA PRO B 154 -16.76 -4.37 16.55
C PRO B 154 -16.31 -3.13 15.77
N THR B 155 -17.09 -2.07 15.89
CA THR B 155 -16.82 -0.82 15.17
C THR B 155 -15.41 -0.28 15.45
N SER B 156 -14.94 -0.40 16.69
CA SER B 156 -13.60 0.07 17.06
C SER B 156 -12.47 -0.58 16.24
N TYR B 157 -12.61 -1.87 15.95
CA TYR B 157 -11.67 -2.60 15.09
C TYR B 157 -11.52 -1.94 13.71
N TYR B 158 -12.64 -1.66 13.06
CA TYR B 158 -12.60 -1.07 11.70
C TYR B 158 -12.20 0.39 11.74
N GLU B 159 -12.46 1.04 12.88
CA GLU B 159 -12.11 2.45 13.06
C GLU B 159 -10.59 2.59 13.08
N ALA B 160 -9.91 1.68 13.76
CA ALA B 160 -8.45 1.69 13.81
C ALA B 160 -7.83 1.42 12.42
N ILE B 161 -8.49 0.59 11.60
CA ILE B 161 -8.00 0.28 10.24
C ILE B 161 -8.26 1.45 9.27
N MET B 162 -9.38 2.12 9.44
CA MET B 162 -9.76 3.24 8.57
C MET B 162 -8.92 4.49 8.81
N ARG B 163 -8.41 4.64 10.02
CA ARG B 163 -7.76 5.87 10.46
C ARG B 163 -6.58 6.33 9.58
N PRO B 164 -5.66 5.43 9.19
CA PRO B 164 -4.54 5.84 8.32
C PRO B 164 -4.91 6.10 6.84
N VAL B 165 -6.16 5.83 6.50
CA VAL B 165 -6.72 6.18 5.19
C VAL B 165 -7.96 7.07 5.34
N LYS B 166 -8.00 7.89 6.39
CA LYS B 166 -9.19 8.71 6.69
C LYS B 166 -9.45 9.85 5.69
N ASP B 167 -8.47 10.12 4.82
CA ASP B 167 -8.67 11.01 3.68
C ASP B 167 -9.82 10.55 2.76
N TYR B 168 -10.18 9.27 2.83
CA TYR B 168 -11.20 8.68 1.95
C TYR B 168 -12.50 8.48 2.69
N GLU B 169 -13.60 8.47 1.94
CA GLU B 169 -14.94 8.20 2.49
C GLU B 169 -15.21 6.68 2.63
N MET B 170 -14.50 5.86 1.86
CA MET B 170 -14.70 4.41 1.88
C MET B 170 -13.39 3.66 1.57
N LEU B 171 -13.16 2.59 2.33
CA LEU B 171 -12.08 1.63 2.08
C LEU B 171 -12.73 0.32 1.64
N ILE B 172 -12.31 -0.22 0.50
CA ILE B 172 -12.76 -1.55 0.09
C ILE B 172 -11.59 -2.53 0.19
N VAL B 173 -11.82 -3.65 0.86
CA VAL B 173 -10.82 -4.73 0.97
C VAL B 173 -11.42 -6.08 0.57
N ALA B 174 -10.56 -6.99 0.13
CA ALA B 174 -10.98 -8.35 -0.24
C ALA B 174 -10.82 -9.35 0.90
N SER B 175 -9.84 -9.11 1.78
CA SER B 175 -9.36 -10.15 2.68
C SER B 175 -10.35 -10.70 3.73
N PRO B 176 -11.37 -9.95 4.15
CA PRO B 176 -12.38 -10.53 5.05
C PRO B 176 -13.08 -11.77 4.53
N MET B 177 -13.26 -11.91 3.20
CA MET B 177 -13.91 -13.06 2.55
C MET B 177 -15.41 -13.22 2.79
N TYR B 178 -15.97 -12.38 3.66
CA TYR B 178 -17.40 -12.29 3.92
C TYR B 178 -17.81 -10.81 3.77
N PRO B 179 -19.09 -10.54 3.55
CA PRO B 179 -19.62 -9.17 3.62
C PRO B 179 -19.19 -8.41 4.88
N VAL B 180 -18.64 -7.20 4.69
CA VAL B 180 -18.36 -6.26 5.76
C VAL B 180 -18.95 -4.90 5.35
N ASP B 181 -19.64 -4.26 6.29
CA ASP B 181 -20.23 -2.93 6.10
C ASP B 181 -20.16 -2.21 7.44
N ALA B 182 -19.10 -1.44 7.63
CA ALA B 182 -18.78 -0.88 8.93
C ALA B 182 -18.59 0.61 8.83
N MET B 183 -19.62 1.37 9.20
CA MET B 183 -19.53 2.82 9.31
C MET B 183 -18.66 3.18 10.53
N THR B 184 -17.69 4.06 10.32
CA THR B 184 -16.80 4.57 11.39
C THR B 184 -16.72 6.09 11.30
N ARG B 185 -16.18 6.74 12.33
CA ARG B 185 -15.96 8.19 12.29
C ARG B 185 -14.99 8.65 11.18
N TYR B 186 -14.14 7.73 10.70
CA TYR B 186 -13.16 8.02 9.66
C TYR B 186 -13.61 7.62 8.24
N GLY B 187 -14.76 6.97 8.12
CA GLY B 187 -15.28 6.47 6.85
C GLY B 187 -15.80 5.03 6.95
N ARG B 188 -16.31 4.52 5.82
CA ARG B 188 -16.92 3.20 5.77
C ARG B 188 -15.99 2.14 5.22
N VAL B 189 -15.82 1.05 5.96
CA VAL B 189 -15.03 -0.10 5.52
C VAL B 189 -15.95 -1.18 4.94
N VAL B 190 -15.70 -1.57 3.69
CA VAL B 190 -16.57 -2.51 2.97
C VAL B 190 -15.77 -3.68 2.40
N CYS B 191 -16.31 -4.89 2.55
CA CYS B 191 -15.86 -6.06 1.79
C CYS B 191 -17.09 -6.60 1.08
N PRO B 192 -16.99 -6.83 -0.24
CA PRO B 192 -18.14 -7.32 -1.00
C PRO B 192 -18.49 -8.80 -0.77
N GLY B 193 -17.64 -9.51 -0.03
CA GLY B 193 -17.69 -10.97 0.04
C GLY B 193 -16.76 -11.58 -1.00
N SER B 194 -16.98 -12.87 -1.27
CA SER B 194 -16.13 -13.66 -2.15
C SER B 194 -16.96 -14.26 -3.29
N VAL B 195 -16.55 -14.00 -4.53
CA VAL B 195 -17.22 -14.54 -5.70
C VAL B 195 -16.92 -16.03 -5.87
N GLY B 196 -15.65 -16.41 -5.81
CA GLY B 196 -15.23 -17.73 -6.23
C GLY B 196 -14.34 -18.52 -5.29
N PHE B 197 -13.92 -17.92 -4.18
CA PHE B 197 -13.12 -18.62 -3.17
C PHE B 197 -13.98 -18.87 -1.93
N PRO B 198 -14.52 -20.09 -1.79
CA PRO B 198 -15.36 -20.43 -0.64
C PRO B 198 -14.65 -20.26 0.71
N PRO B 199 -15.17 -19.43 1.61
CA PRO B 199 -14.60 -19.30 2.95
C PRO B 199 -15.12 -20.37 3.92
N GLY B 200 -16.18 -21.06 3.52
CA GLY B 200 -16.79 -22.11 4.34
C GLY B 200 -17.67 -23.02 3.49
N LYS B 201 -18.59 -23.71 4.15
CA LYS B 201 -19.49 -24.66 3.51
C LYS B 201 -20.57 -23.98 2.68
N GLU B 202 -21.12 -24.71 1.70
CA GLU B 202 -22.28 -24.26 0.93
C GLU B 202 -22.12 -22.83 0.39
N HIS B 203 -20.93 -22.55 -0.18
CA HIS B 203 -20.61 -21.21 -0.66
C HIS B 203 -21.46 -20.79 -1.86
N LYS B 204 -21.99 -19.57 -1.75
CA LYS B 204 -22.68 -18.90 -2.84
C LYS B 204 -21.80 -17.74 -3.32
N ALA B 205 -21.77 -17.52 -4.64
CA ALA B 205 -21.03 -16.41 -5.22
C ALA B 205 -21.61 -15.08 -4.70
N THR B 206 -20.76 -14.33 -4.00
CA THR B 206 -21.19 -13.17 -3.23
C THR B 206 -20.48 -11.91 -3.74
N PHE B 207 -21.25 -10.84 -3.92
CA PHE B 207 -20.70 -9.54 -4.32
C PHE B 207 -21.60 -8.44 -3.78
N ALA B 208 -21.22 -7.18 -4.01
CA ALA B 208 -22.03 -6.07 -3.53
C ALA B 208 -22.40 -5.08 -4.63
N LEU B 209 -23.59 -4.50 -4.49
CA LEU B 209 -23.95 -3.29 -5.22
C LEU B 209 -23.88 -2.11 -4.24
N VAL B 210 -22.97 -1.17 -4.50
CA VAL B 210 -22.77 -0.01 -3.62
C VAL B 210 -23.55 1.18 -4.21
N ASP B 211 -24.46 1.73 -3.40
CA ASP B 211 -25.27 2.90 -3.74
C ASP B 211 -24.36 4.11 -3.94
N VAL B 212 -24.39 4.74 -5.13
CA VAL B 212 -23.45 5.82 -5.45
C VAL B 212 -23.68 7.07 -4.57
N ASP B 213 -24.92 7.29 -4.14
CA ASP B 213 -25.26 8.41 -3.28
C ASP B 213 -24.78 8.21 -1.83
N THR B 214 -25.15 7.07 -1.22
CA THR B 214 -24.95 6.83 0.22
C THR B 214 -23.75 5.95 0.58
N LEU B 215 -23.23 5.22 -0.40
CA LEU B 215 -22.17 4.22 -0.19
C LEU B 215 -22.61 2.99 0.64
N LYS B 216 -23.91 2.75 0.74
CA LYS B 216 -24.43 1.58 1.46
C LYS B 216 -24.39 0.39 0.51
N PRO B 217 -23.74 -0.71 0.90
CA PRO B 217 -23.70 -1.90 0.05
C PRO B 217 -24.93 -2.79 0.21
N LYS B 218 -25.43 -3.30 -0.91
CA LYS B 218 -26.42 -4.36 -0.93
C LYS B 218 -25.67 -5.65 -1.33
N PHE B 219 -25.68 -6.62 -0.43
CA PHE B 219 -25.01 -7.90 -0.67
C PHE B 219 -25.92 -8.88 -1.41
N ILE B 220 -25.39 -9.46 -2.49
CA ILE B 220 -26.12 -10.40 -3.35
C ILE B 220 -25.43 -11.77 -3.31
N GLU B 221 -26.21 -12.85 -3.20
CA GLU B 221 -25.68 -14.22 -3.24
C GLU B 221 -26.32 -15.03 -4.39
N VAL B 222 -25.51 -15.77 -5.14
CA VAL B 222 -25.94 -16.47 -6.35
C VAL B 222 -25.38 -17.89 -6.40
N GLU B 223 -26.26 -18.86 -6.64
CA GLU B 223 -25.87 -20.26 -6.74
C GLU B 223 -25.09 -20.53 -8.03
N TYR B 224 -24.07 -21.38 -7.95
CA TYR B 224 -23.37 -21.87 -9.12
C TYR B 224 -23.08 -23.37 -9.00
N ASP B 225 -22.73 -23.98 -10.13
CA ASP B 225 -22.54 -25.43 -10.19
C ASP B 225 -21.14 -25.83 -9.75
N LYS B 226 -21.05 -26.50 -8.60
CA LYS B 226 -19.78 -26.99 -8.10
C LYS B 226 -19.40 -28.34 -8.72
N LYS B 227 -20.33 -28.93 -9.48
CA LYS B 227 -20.14 -30.23 -10.12
C LYS B 227 -19.10 -30.17 -11.23
N ILE B 228 -19.27 -29.24 -12.17
CA ILE B 228 -18.32 -29.13 -13.28
C ILE B 228 -16.93 -28.68 -12.83
N ILE B 229 -16.87 -27.90 -11.75
CA ILE B 229 -15.58 -27.47 -11.20
C ILE B 229 -14.82 -28.66 -10.65
N GLU B 230 -15.52 -29.50 -9.88
CA GLU B 230 -14.95 -30.73 -9.33
C GLU B 230 -14.36 -31.62 -10.42
N GLU B 231 -15.12 -31.78 -11.50
CA GLU B 231 -14.73 -32.65 -12.61
C GLU B 231 -13.59 -32.05 -13.43
N ARG B 232 -13.46 -30.72 -13.40
CA ARG B 232 -12.40 -30.03 -14.12
C ARG B 232 -11.09 -30.09 -13.35
N ILE B 233 -11.17 -30.03 -12.02
CA ILE B 233 -10.00 -30.16 -11.15
C ILE B 233 -9.33 -31.53 -11.36
N ARG B 234 -10.14 -32.58 -11.32
CA ARG B 234 -9.63 -33.96 -11.47
C ARG B 234 -9.05 -34.20 -12.86
N ALA B 235 -9.71 -33.66 -13.89
CA ALA B 235 -9.26 -33.78 -15.28
C ALA B 235 -7.95 -33.07 -15.59
N GLU B 236 -7.59 -32.07 -14.78
CA GLU B 236 -6.31 -31.35 -14.93
C GLU B 236 -5.20 -31.91 -14.03
N GLY B 237 -5.57 -32.83 -13.13
CA GLY B 237 -4.61 -33.50 -12.28
C GLY B 237 -4.18 -32.72 -11.05
N LEU B 238 -5.09 -31.91 -10.50
CA LEU B 238 -4.80 -31.03 -9.36
C LEU B 238 -5.19 -31.70 -8.03
N PRO B 239 -4.53 -31.32 -6.93
CA PRO B 239 -4.75 -31.97 -5.63
C PRO B 239 -6.21 -32.12 -5.21
N GLU B 240 -6.49 -33.18 -4.44
CA GLU B 240 -7.81 -33.41 -3.88
C GLU B 240 -8.19 -32.36 -2.84
N GLU B 241 -7.17 -31.74 -2.24
CA GLU B 241 -7.37 -30.66 -1.29
C GLU B 241 -8.12 -29.45 -1.88
N ILE B 242 -8.00 -29.19 -3.18
CA ILE B 242 -8.73 -28.07 -3.80
C ILE B 242 -10.23 -28.37 -3.87
N ILE B 243 -10.58 -29.64 -4.04
CA ILE B 243 -11.98 -30.08 -3.97
C ILE B 243 -12.53 -29.94 -2.55
N LYS B 244 -11.70 -30.19 -1.55
CA LYS B 244 -12.11 -30.03 -0.15
C LYS B 244 -12.46 -28.57 0.14
N ILE B 245 -11.60 -27.65 -0.30
CA ILE B 245 -11.84 -26.22 -0.17
C ILE B 245 -13.12 -25.80 -0.89
N LEU B 246 -13.33 -26.36 -2.08
CA LEU B 246 -14.53 -26.07 -2.87
C LEU B 246 -15.83 -26.29 -2.09
N TYR B 247 -15.88 -27.38 -1.30
CA TYR B 247 -17.06 -27.76 -0.54
C TYR B 247 -17.00 -27.40 0.95
N HIS B 248 -15.81 -27.17 1.49
CA HIS B 248 -15.60 -26.99 2.94
C HIS B 248 -15.02 -25.65 3.40
N GLY B 249 -14.39 -24.91 2.48
CA GLY B 249 -13.84 -23.59 2.76
C GLY B 249 -12.34 -23.56 2.94
N GLY B 250 -11.79 -22.34 2.95
CA GLY B 250 -10.37 -22.12 3.14
C GLY B 250 -10.01 -20.64 3.19
N ARG B 251 -8.75 -20.35 3.50
CA ARG B 251 -8.22 -18.98 3.50
C ARG B 251 -7.02 -18.93 2.54
N PRO B 252 -6.97 -17.94 1.65
CA PRO B 252 -5.84 -17.83 0.71
C PRO B 252 -4.51 -17.55 1.40
#